data_6TSQ
#
_entry.id   6TSQ
#
_cell.length_a   120.952
_cell.length_b   120.952
_cell.length_c   99.477
_cell.angle_alpha   90.000
_cell.angle_beta   90.000
_cell.angle_gamma   120.000
#
_symmetry.space_group_name_H-M   'P 63 2 2'
#
loop_
_entity.id
_entity.type
_entity.pdbx_description
1 polymer Agglutinin
2 branched alpha-L-fucopyranose-(1-2)-[alpha-D-galactopyranose-(1-3)]beta-D-galactopyranose
3 branched alpha-L-fucopyranose-(1-2)-[alpha-D-galactopyranose-(1-3)]alpha-D-galactopyranose
4 non-polymer 1,2-ETHANEDIOL
5 non-polymer 'DIMETHYL SULFOXIDE'
6 non-polymer 'SODIUM ION'
7 non-polymer 'MANGANESE (II) ION'
8 non-polymer 'CALCIUM ION'
9 water water
#
_entity_poly.entity_id   1
_entity_poly.type   'polypeptide(L)'
_entity_poly.pdbx_seq_one_letter_code
;MSLRRGIYHIENAGVPSAIDLKDGSSSDGTPIVGWQFTPDTINWHQLWLAEPIPNVADTFTLCNLFSGTYMDLYNGSSEA
GTAVNGWQGTAFTTNPHQLWTIKKSSDGTSYKIQNYGSKTFVDLVNGDSSDGAKIAGWTGTWDEGNPHQKWYFNRMSVSS
AEAQAAIARNPHIHGTYRGYILDGEYLVLPNATFTQIWKDSGLPGSKWREQIYD(CZZ)DDFAIAMKAAVGKWGADSWKA
NGFAIFCGVMLGVNKAGDAAHAYNFTLTKDHADIVFFEPQNGGYLNDIGYDSYMAFY
;
_entity_poly.pdbx_strand_id   AAA
#
loop_
_chem_comp.id
_chem_comp.type
_chem_comp.name
_chem_comp.formula
CA non-polymer 'CALCIUM ION' 'Ca 2'
DMS non-polymer 'DIMETHYL SULFOXIDE' 'C2 H6 O S'
EDO non-polymer 1,2-ETHANEDIOL 'C2 H6 O2'
FUC L-saccharide, alpha linking alpha-L-fucopyranose 'C6 H12 O5'
GAL D-saccharide, beta linking beta-D-galactopyranose 'C6 H12 O6'
GLA D-saccharide, alpha linking alpha-D-galactopyranose 'C6 H12 O6'
MN non-polymer 'MANGANESE (II) ION' 'Mn 2'
NA non-polymer 'SODIUM ION' 'Na 1'
#
# COMPACT_ATOMS: atom_id res chain seq x y z
N SER A 2 -12.85 -10.27 6.94
CA SER A 2 -12.90 -9.67 5.58
C SER A 2 -11.61 -8.90 5.31
N LEU A 3 -11.10 -9.00 4.09
CA LEU A 3 -10.01 -8.12 3.59
C LEU A 3 -10.46 -6.66 3.71
N ARG A 4 -9.66 -5.84 4.39
N ARG A 4 -9.65 -5.82 4.34
CA ARG A 4 -9.86 -4.37 4.47
CA ARG A 4 -9.96 -4.37 4.52
C ARG A 4 -9.54 -3.75 3.12
C ARG A 4 -9.41 -3.58 3.33
N ARG A 5 -10.20 -2.64 2.82
CA ARG A 5 -9.72 -1.67 1.79
C ARG A 5 -8.27 -1.32 2.08
N GLY A 6 -7.43 -1.34 1.07
CA GLY A 6 -6.06 -0.84 1.22
C GLY A 6 -5.14 -1.38 0.17
N ILE A 7 -3.87 -1.09 0.32
CA ILE A 7 -2.83 -1.44 -0.68
C ILE A 7 -2.11 -2.70 -0.20
N TYR A 8 -1.95 -3.68 -1.07
CA TYR A 8 -1.37 -4.99 -0.69
C TYR A 8 -0.24 -5.37 -1.65
N HIS A 9 0.77 -5.97 -1.10
CA HIS A 9 1.78 -6.74 -1.84
C HIS A 9 1.43 -8.22 -1.75
N ILE A 10 1.00 -8.80 -2.87
CA ILE A 10 0.31 -10.12 -2.85
C ILE A 10 1.33 -11.22 -3.19
N GLU A 11 1.66 -12.06 -2.22
CA GLU A 11 2.84 -12.93 -2.25
C GLU A 11 2.39 -14.40 -2.23
N ASN A 12 2.84 -15.21 -3.18
CA ASN A 12 2.40 -16.61 -3.28
C ASN A 12 2.78 -17.33 -1.98
N ALA A 13 1.96 -18.30 -1.57
CA ALA A 13 2.15 -19.02 -0.28
C ALA A 13 3.23 -20.10 -0.44
N GLY A 14 3.43 -20.59 -1.67
CA GLY A 14 4.33 -21.73 -1.96
C GLY A 14 5.75 -21.26 -2.27
N VAL A 15 5.88 -20.21 -3.07
CA VAL A 15 7.21 -19.71 -3.53
C VAL A 15 7.24 -18.20 -3.38
N PRO A 16 8.45 -17.58 -3.23
CA PRO A 16 8.56 -16.15 -2.97
C PRO A 16 8.38 -15.30 -4.23
N SER A 17 7.24 -15.45 -4.88
CA SER A 17 6.84 -14.65 -6.06
C SER A 17 5.65 -13.79 -5.67
N ALA A 18 5.65 -12.53 -6.11
CA ALA A 18 4.54 -11.62 -5.90
C ALA A 18 3.78 -11.46 -7.20
N ILE A 19 2.53 -11.08 -7.13
CA ILE A 19 1.72 -10.76 -8.31
C ILE A 19 2.25 -9.43 -8.89
N ASP A 20 2.64 -9.45 -10.15
CA ASP A 20 3.43 -8.38 -10.79
C ASP A 20 2.78 -8.03 -12.13
N LEU A 21 2.51 -6.77 -12.35
CA LEU A 21 2.04 -6.31 -13.69
C LEU A 21 3.27 -6.02 -14.56
N LYS A 22 3.49 -6.83 -15.57
CA LYS A 22 4.82 -6.93 -16.21
C LYS A 22 5.22 -5.54 -16.76
N ASP A 23 6.37 -5.06 -16.34
CA ASP A 23 6.96 -3.74 -16.77
C ASP A 23 6.05 -2.58 -16.34
N GLY A 24 5.13 -2.83 -15.44
CA GLY A 24 4.19 -1.81 -14.94
C GLY A 24 3.36 -1.19 -16.07
N SER A 25 3.24 -1.88 -17.20
CA SER A 25 2.65 -1.27 -18.43
C SER A 25 1.14 -1.01 -18.23
N SER A 26 0.66 0.11 -18.74
CA SER A 26 -0.78 0.48 -18.68
CA SER A 26 -0.78 0.48 -18.68
C SER A 26 -1.53 -0.12 -19.88
N SER A 27 -0.82 -0.73 -20.83
CA SER A 27 -1.46 -1.32 -22.04
C SER A 27 -2.53 -2.34 -21.60
N ASP A 28 -3.68 -2.34 -22.28
CA ASP A 28 -4.69 -3.41 -22.08
C ASP A 28 -4.07 -4.74 -22.47
N GLY A 29 -4.21 -5.73 -21.62
CA GLY A 29 -3.74 -7.10 -21.92
C GLY A 29 -2.29 -7.33 -21.50
N THR A 30 -1.71 -6.40 -20.76
CA THR A 30 -0.38 -6.58 -20.13
C THR A 30 -0.43 -7.77 -19.17
N PRO A 31 0.43 -8.77 -19.34
CA PRO A 31 0.37 -9.96 -18.51
C PRO A 31 0.61 -9.62 -17.03
N ILE A 32 -0.12 -10.27 -16.16
CA ILE A 32 0.17 -10.29 -14.70
C ILE A 32 0.86 -11.60 -14.36
N VAL A 33 2.07 -11.52 -13.81
CA VAL A 33 3.02 -12.64 -13.72
C VAL A 33 3.53 -12.77 -12.29
N GLY A 34 4.11 -13.91 -11.96
CA GLY A 34 4.92 -14.06 -10.75
C GLY A 34 6.30 -13.46 -10.92
N TRP A 35 6.79 -12.78 -9.93
CA TRP A 35 8.11 -12.12 -9.96
C TRP A 35 8.69 -12.04 -8.55
N GLN A 36 9.99 -12.17 -8.41
CA GLN A 36 10.65 -12.06 -7.09
C GLN A 36 10.59 -10.60 -6.62
N PHE A 37 10.83 -10.38 -5.33
CA PHE A 37 10.61 -9.06 -4.69
C PHE A 37 11.67 -8.84 -3.62
N THR A 38 11.84 -7.59 -3.25
CA THR A 38 12.77 -7.18 -2.19
C THR A 38 11.96 -6.61 -1.04
N PRO A 39 11.96 -7.25 0.12
CA PRO A 39 11.26 -6.71 1.29
C PRO A 39 11.81 -5.35 1.71
N ASP A 40 10.95 -4.50 2.28
CA ASP A 40 11.34 -3.17 2.82
C ASP A 40 11.83 -2.28 1.67
N THR A 41 11.27 -2.49 0.47
CA THR A 41 11.37 -1.55 -0.67
C THR A 41 9.96 -1.24 -1.17
N ILE A 42 9.82 -0.21 -1.96
CA ILE A 42 8.68 -0.07 -2.88
C ILE A 42 8.90 -1.04 -4.05
N ASN A 43 8.09 -2.08 -4.13
CA ASN A 43 8.07 -3.00 -5.30
C ASN A 43 7.12 -2.44 -6.36
N TRP A 44 7.67 -1.69 -7.29
CA TRP A 44 6.95 -0.64 -8.05
C TRP A 44 5.79 -1.27 -8.86
N HIS A 45 5.95 -2.51 -9.35
CA HIS A 45 4.96 -3.11 -10.29
C HIS A 45 4.05 -4.10 -9.55
N GLN A 46 4.12 -4.13 -8.22
CA GLN A 46 3.63 -5.28 -7.42
C GLN A 46 2.68 -4.79 -6.30
N LEU A 47 2.16 -3.56 -6.40
CA LEU A 47 1.26 -3.03 -5.35
C LEU A 47 -0.18 -2.90 -5.91
N TRP A 48 -1.15 -3.38 -5.15
CA TRP A 48 -2.54 -3.52 -5.62
C TRP A 48 -3.49 -2.85 -4.63
N LEU A 49 -4.28 -1.90 -5.10
CA LEU A 49 -5.31 -1.24 -4.26
C LEU A 49 -6.61 -2.05 -4.33
N ALA A 50 -7.03 -2.61 -3.20
CA ALA A 50 -8.26 -3.43 -3.13
C ALA A 50 -9.42 -2.55 -2.70
N GLU A 51 -10.37 -2.33 -3.61
CA GLU A 51 -11.56 -1.50 -3.38
CA GLU A 51 -11.57 -1.50 -3.37
C GLU A 51 -12.78 -2.40 -3.18
N PRO A 52 -13.38 -2.43 -1.97
CA PRO A 52 -14.57 -3.26 -1.72
C PRO A 52 -15.78 -2.78 -2.53
N ILE A 53 -16.49 -3.72 -3.17
CA ILE A 53 -17.72 -3.43 -3.95
C ILE A 53 -18.92 -3.36 -3.00
N PRO A 54 -19.80 -2.34 -3.16
N PRO A 54 -19.58 -2.20 -2.86
CA PRO A 54 -20.93 -2.14 -2.26
CA PRO A 54 -20.46 -1.95 -1.70
C PRO A 54 -21.92 -3.32 -2.27
C PRO A 54 -21.49 -3.08 -1.41
N ASN A 55 -22.25 -3.85 -1.09
N ASN A 55 -22.14 -3.60 -2.46
CA ASN A 55 -23.40 -4.75 -0.87
CA ASN A 55 -23.34 -4.50 -2.31
C ASN A 55 -23.06 -6.14 -1.40
C ASN A 55 -23.00 -5.93 -2.75
N VAL A 56 -21.90 -6.26 -2.07
N VAL A 56 -21.72 -6.30 -2.67
CA VAL A 56 -21.42 -7.53 -2.69
CA VAL A 56 -21.25 -7.70 -2.93
C VAL A 56 -20.29 -8.10 -1.84
C VAL A 56 -20.27 -8.10 -1.83
N ALA A 57 -20.58 -9.17 -1.10
CA ALA A 57 -19.76 -9.62 0.05
C ALA A 57 -18.37 -10.04 -0.42
N ASP A 58 -17.32 -9.54 0.26
CA ASP A 58 -15.92 -10.02 0.13
C ASP A 58 -15.47 -9.92 -1.33
N THR A 59 -15.92 -8.91 -2.05
CA THR A 59 -15.61 -8.78 -3.50
C THR A 59 -15.04 -7.36 -3.76
N PHE A 60 -14.00 -7.30 -4.61
CA PHE A 60 -13.11 -6.14 -4.77
C PHE A 60 -12.77 -5.97 -6.25
N THR A 61 -12.39 -4.77 -6.64
CA THR A 61 -11.46 -4.54 -7.76
C THR A 61 -10.04 -4.52 -7.21
N LEU A 62 -9.08 -4.93 -8.01
CA LEU A 62 -7.64 -4.87 -7.68
C LEU A 62 -6.92 -3.98 -8.69
N CYS A 63 -6.60 -2.77 -8.30
CA CYS A 63 -6.00 -1.75 -9.19
C CYS A 63 -4.49 -1.72 -8.95
N ASN A 64 -3.70 -1.87 -10.00
CA ASN A 64 -2.23 -1.75 -9.88
C ASN A 64 -1.88 -0.29 -9.57
N LEU A 65 -1.21 -0.05 -8.44
CA LEU A 65 -0.96 1.32 -7.93
C LEU A 65 -0.18 2.12 -9.00
N PHE A 66 0.71 1.47 -9.69
CA PHE A 66 1.62 2.15 -10.64
C PHE A 66 0.87 2.44 -11.96
N SER A 67 0.20 1.44 -12.52
CA SER A 67 -0.39 1.51 -13.88
C SER A 67 -1.76 2.21 -13.84
N GLY A 68 -2.48 2.05 -12.75
CA GLY A 68 -3.88 2.47 -12.61
C GLY A 68 -4.84 1.53 -13.37
N THR A 69 -4.34 0.39 -13.88
CA THR A 69 -5.19 -0.59 -14.60
C THR A 69 -5.50 -1.77 -13.69
N TYR A 70 -6.48 -2.56 -14.04
CA TYR A 70 -7.19 -3.46 -13.11
C TYR A 70 -6.85 -4.90 -13.45
N MET A 71 -6.77 -5.73 -12.46
CA MET A 71 -6.59 -7.17 -12.67
C MET A 71 -7.86 -7.72 -13.35
N ASP A 72 -7.68 -8.38 -14.49
CA ASP A 72 -8.76 -8.67 -15.44
C ASP A 72 -8.61 -10.11 -15.94
N LEU A 73 -9.63 -10.93 -15.75
CA LEU A 73 -9.68 -12.30 -16.30
C LEU A 73 -10.16 -12.24 -17.74
N TYR A 74 -9.32 -12.66 -18.67
CA TYR A 74 -9.47 -12.36 -20.10
C TYR A 74 -10.81 -12.94 -20.62
N ASN A 75 -11.73 -12.06 -21.01
CA ASN A 75 -13.08 -12.42 -21.53
CA ASN A 75 -13.07 -12.44 -21.55
C ASN A 75 -13.83 -13.26 -20.50
N GLY A 76 -13.42 -13.16 -19.24
CA GLY A 76 -14.15 -13.78 -18.10
C GLY A 76 -14.29 -15.30 -18.26
N SER A 77 -13.40 -15.91 -19.03
CA SER A 77 -13.48 -17.36 -19.34
C SER A 77 -13.24 -18.19 -18.06
N SER A 78 -14.01 -19.27 -17.91
CA SER A 78 -13.86 -20.25 -16.79
C SER A 78 -12.85 -21.35 -17.16
N GLU A 79 -12.34 -21.35 -18.39
CA GLU A 79 -11.33 -22.35 -18.82
CA GLU A 79 -11.33 -22.34 -18.83
C GLU A 79 -10.08 -22.21 -17.94
N ALA A 80 -9.58 -23.33 -17.41
CA ALA A 80 -8.28 -23.36 -16.70
C ALA A 80 -7.18 -22.87 -17.65
N GLY A 81 -6.37 -21.91 -17.18
CA GLY A 81 -5.23 -21.38 -17.96
C GLY A 81 -5.60 -20.09 -18.67
N THR A 82 -6.75 -19.53 -18.35
CA THR A 82 -7.22 -18.24 -18.91
C THR A 82 -6.29 -17.11 -18.42
N ALA A 83 -5.90 -16.23 -19.32
CA ALA A 83 -4.93 -15.13 -19.04
C ALA A 83 -5.50 -14.20 -17.95
N VAL A 84 -4.66 -13.83 -17.01
CA VAL A 84 -4.95 -12.72 -16.07
C VAL A 84 -4.03 -11.53 -16.43
N ASN A 85 -4.63 -10.39 -16.79
CA ASN A 85 -3.91 -9.24 -17.38
C ASN A 85 -4.30 -7.97 -16.63
N GLY A 86 -3.53 -6.91 -16.83
CA GLY A 86 -3.98 -5.54 -16.55
C GLY A 86 -4.85 -5.01 -17.65
N TRP A 87 -5.92 -4.33 -17.29
CA TRP A 87 -6.91 -3.82 -18.26
C TRP A 87 -7.52 -2.54 -17.71
N GLN A 88 -7.87 -1.62 -18.59
CA GLN A 88 -8.53 -0.37 -18.18
C GLN A 88 -9.88 -0.71 -17.50
N GLY A 89 -10.23 0.01 -16.44
CA GLY A 89 -11.50 -0.16 -15.73
C GLY A 89 -11.79 0.98 -14.78
N THR A 90 -12.63 0.75 -13.78
CA THR A 90 -12.91 1.73 -12.71
C THR A 90 -13.07 1.01 -11.37
N ALA A 91 -13.00 1.74 -10.26
CA ALA A 91 -12.84 1.16 -8.92
C ALA A 91 -14.12 0.38 -8.52
N PHE A 92 -15.29 0.78 -9.07
CA PHE A 92 -16.62 0.17 -8.72
C PHE A 92 -17.31 -0.34 -10.00
N THR A 93 -16.55 -0.92 -10.90
CA THR A 93 -17.05 -1.48 -12.16
C THR A 93 -18.07 -2.60 -11.84
N THR A 94 -18.96 -2.88 -12.78
CA THR A 94 -19.86 -4.05 -12.74
C THR A 94 -19.30 -5.13 -13.66
N ASN A 95 -18.18 -4.85 -14.34
CA ASN A 95 -17.53 -5.82 -15.26
C ASN A 95 -16.98 -6.98 -14.44
N PRO A 96 -17.61 -8.17 -14.52
CA PRO A 96 -17.22 -9.29 -13.65
C PRO A 96 -15.80 -9.83 -13.98
N HIS A 97 -15.26 -9.50 -15.14
CA HIS A 97 -13.85 -9.80 -15.49
C HIS A 97 -12.90 -9.19 -14.44
N GLN A 98 -13.32 -8.09 -13.80
CA GLN A 98 -12.42 -7.24 -12.97
C GLN A 98 -12.91 -7.26 -11.51
N LEU A 99 -13.80 -8.20 -11.17
CA LEU A 99 -14.34 -8.36 -9.80
C LEU A 99 -13.80 -9.66 -9.20
N TRP A 100 -13.32 -9.60 -7.96
CA TRP A 100 -12.55 -10.69 -7.31
C TRP A 100 -13.04 -10.87 -5.90
N THR A 101 -13.57 -12.05 -5.62
CA THR A 101 -13.95 -12.45 -4.26
C THR A 101 -12.72 -12.99 -3.54
N ILE A 102 -12.34 -12.35 -2.46
CA ILE A 102 -11.06 -12.60 -1.78
C ILE A 102 -11.36 -12.99 -0.33
N LYS A 103 -11.08 -14.23 0.03
CA LYS A 103 -11.40 -14.75 1.38
C LYS A 103 -10.27 -15.66 1.85
N LYS A 104 -10.18 -15.87 3.16
CA LYS A 104 -9.11 -16.68 3.78
C LYS A 104 -9.16 -18.10 3.20
N SER A 105 -8.00 -18.65 2.91
CA SER A 105 -7.82 -20.06 2.51
C SER A 105 -8.04 -20.97 3.73
N SER A 106 -7.79 -22.27 3.54
CA SER A 106 -7.96 -23.29 4.60
C SER A 106 -6.84 -23.17 5.66
N ASP A 107 -5.76 -22.42 5.36
CA ASP A 107 -4.65 -22.23 6.33
C ASP A 107 -4.96 -21.00 7.25
N GLY A 108 -6.01 -20.25 6.92
CA GLY A 108 -6.56 -19.19 7.80
C GLY A 108 -5.71 -17.91 7.81
N THR A 109 -4.62 -17.88 7.01
CA THR A 109 -3.70 -16.70 6.97
CA THR A 109 -3.67 -16.72 6.97
C THR A 109 -3.56 -16.19 5.53
N SER A 110 -3.30 -17.07 4.58
CA SER A 110 -3.30 -16.71 3.14
C SER A 110 -4.74 -16.63 2.64
N TYR A 111 -4.94 -16.00 1.47
CA TYR A 111 -6.25 -15.84 0.82
C TYR A 111 -6.29 -16.67 -0.44
N LYS A 112 -7.48 -16.92 -0.95
CA LYS A 112 -7.67 -17.27 -2.38
C LYS A 112 -8.45 -16.14 -3.07
N ILE A 113 -8.16 -15.94 -4.34
CA ILE A 113 -8.71 -14.85 -5.16
C ILE A 113 -9.56 -15.49 -6.27
N GLN A 114 -10.87 -15.34 -6.19
CA GLN A 114 -11.82 -15.96 -7.14
C GLN A 114 -12.39 -14.90 -8.03
N ASN A 115 -12.45 -15.16 -9.31
CA ASN A 115 -13.14 -14.23 -10.22
C ASN A 115 -14.65 -14.34 -9.96
N TYR A 116 -15.30 -13.22 -9.79
CA TYR A 116 -16.73 -13.17 -9.42
C TYR A 116 -17.58 -13.79 -10.54
N GLY A 117 -17.22 -13.53 -11.79
CA GLY A 117 -17.91 -14.07 -12.98
C GLY A 117 -17.67 -15.57 -13.15
N SER A 118 -16.41 -15.97 -13.21
CA SER A 118 -16.02 -17.33 -13.68
C SER A 118 -16.10 -18.33 -12.51
N LYS A 119 -15.86 -17.85 -11.29
CA LYS A 119 -15.68 -18.69 -10.07
C LYS A 119 -14.41 -19.56 -10.22
N THR A 120 -13.45 -19.11 -11.03
CA THR A 120 -12.09 -19.73 -11.06
C THR A 120 -11.12 -18.86 -10.27
N PHE A 121 -9.99 -19.43 -9.91
CA PHE A 121 -9.08 -18.84 -8.91
C PHE A 121 -7.81 -18.35 -9.59
N VAL A 122 -7.21 -17.31 -9.04
CA VAL A 122 -5.88 -16.81 -9.46
C VAL A 122 -4.83 -17.86 -9.07
N ASP A 123 -4.06 -18.31 -10.03
CA ASP A 123 -3.23 -19.52 -9.91
C ASP A 123 -1.85 -19.21 -10.49
N LEU A 124 -0.80 -19.32 -9.67
CA LEU A 124 0.60 -19.30 -10.17
C LEU A 124 0.91 -20.64 -10.84
N VAL A 125 0.83 -20.68 -12.15
CA VAL A 125 0.75 -21.96 -12.91
C VAL A 125 1.98 -22.82 -12.60
N ASN A 126 1.75 -24.01 -12.02
CA ASN A 126 2.80 -25.03 -11.72
CA ASN A 126 2.78 -25.04 -11.74
C ASN A 126 3.63 -24.59 -10.52
N GLY A 127 3.19 -23.55 -9.82
CA GLY A 127 3.97 -22.98 -8.71
C GLY A 127 5.34 -22.50 -9.19
N ASP A 128 5.42 -22.09 -10.42
CA ASP A 128 6.68 -21.69 -11.06
C ASP A 128 7.22 -20.43 -10.36
N SER A 129 8.45 -20.49 -9.87
CA SER A 129 9.09 -19.38 -9.13
C SER A 129 9.87 -18.46 -10.08
N SER A 130 9.89 -18.78 -11.37
CA SER A 130 10.62 -17.99 -12.38
CA SER A 130 10.61 -17.99 -12.39
C SER A 130 10.04 -16.57 -12.45
N ASP A 131 10.91 -15.58 -12.69
CA ASP A 131 10.46 -14.19 -12.99
C ASP A 131 9.73 -14.19 -14.32
N GLY A 132 8.44 -13.85 -14.31
CA GLY A 132 7.60 -13.80 -15.51
C GLY A 132 6.76 -15.03 -15.68
N ALA A 133 6.66 -15.85 -14.63
CA ALA A 133 5.82 -17.07 -14.63
C ALA A 133 4.34 -16.67 -14.83
N LYS A 134 3.64 -17.41 -15.68
CA LYS A 134 2.20 -17.18 -15.98
CA LYS A 134 2.21 -17.19 -15.99
C LYS A 134 1.39 -17.21 -14.69
N ILE A 135 0.50 -16.26 -14.55
CA ILE A 135 -0.64 -16.35 -13.60
C ILE A 135 -1.94 -16.44 -14.41
N ALA A 136 -2.82 -17.36 -14.04
CA ALA A 136 -4.01 -17.70 -14.84
C ALA A 136 -5.20 -17.90 -13.91
N GLY A 137 -6.41 -17.79 -14.45
CA GLY A 137 -7.62 -18.31 -13.81
C GLY A 137 -7.70 -19.81 -13.95
N TRP A 138 -7.99 -20.50 -12.86
CA TRP A 138 -7.87 -21.98 -12.82
C TRP A 138 -8.97 -22.56 -11.94
N THR A 139 -9.48 -23.70 -12.34
N THR A 139 -9.51 -23.69 -12.36
CA THR A 139 -10.43 -24.48 -11.52
CA THR A 139 -10.41 -24.51 -11.52
C THR A 139 -9.84 -24.69 -10.12
C THR A 139 -9.82 -24.63 -10.12
N GLY A 140 -10.68 -24.68 -9.11
CA GLY A 140 -10.26 -24.99 -7.74
C GLY A 140 -11.40 -24.92 -6.78
N THR A 141 -11.10 -25.02 -5.50
CA THR A 141 -12.09 -24.96 -4.41
C THR A 141 -11.61 -24.00 -3.34
N TRP A 142 -12.50 -23.57 -2.48
CA TRP A 142 -12.18 -22.60 -1.43
C TRP A 142 -11.31 -23.27 -0.34
N ASP A 143 -11.39 -24.61 -0.20
CA ASP A 143 -10.96 -25.32 1.01
C ASP A 143 -9.59 -26.03 0.78
N GLU A 144 -9.21 -26.26 -0.48
CA GLU A 144 -8.05 -27.15 -0.78
C GLU A 144 -6.72 -26.44 -0.39
N GLY A 145 -5.66 -27.22 -0.19
CA GLY A 145 -4.37 -26.72 0.34
C GLY A 145 -3.49 -26.14 -0.78
N ASN A 146 -3.82 -26.43 -2.04
CA ASN A 146 -3.01 -26.12 -3.25
C ASN A 146 -2.35 -24.75 -3.13
N PRO A 147 -1.01 -24.68 -2.92
CA PRO A 147 -0.33 -23.40 -2.72
C PRO A 147 -0.27 -22.53 -4.01
N HIS A 148 -0.44 -23.14 -5.19
CA HIS A 148 -0.51 -22.37 -6.47
C HIS A 148 -1.58 -21.27 -6.36
N GLN A 149 -2.63 -21.51 -5.57
CA GLN A 149 -3.83 -20.64 -5.56
C GLN A 149 -3.97 -19.96 -4.17
N LYS A 150 -2.92 -19.97 -3.37
CA LYS A 150 -2.92 -19.29 -2.04
C LYS A 150 -1.97 -18.07 -2.09
N TRP A 151 -2.39 -16.99 -1.47
CA TRP A 151 -1.77 -15.65 -1.63
C TRP A 151 -1.80 -14.93 -0.29
N TYR A 152 -0.64 -14.58 0.24
CA TYR A 152 -0.54 -13.66 1.38
C TYR A 152 -0.80 -12.24 0.91
N PHE A 153 -1.72 -11.56 1.56
CA PHE A 153 -2.01 -10.13 1.31
C PHE A 153 -1.24 -9.28 2.33
N ASN A 154 -0.01 -8.96 1.98
CA ASN A 154 0.91 -8.19 2.83
C ASN A 154 0.49 -6.72 2.80
N ARG A 155 -0.03 -6.21 3.90
CA ARG A 155 -0.74 -4.91 3.93
C ARG A 155 0.31 -3.76 3.98
N MET A 156 0.28 -2.88 2.98
CA MET A 156 1.31 -1.84 2.78
CA MET A 156 1.30 -1.84 2.77
C MET A 156 0.74 -0.45 3.17
N SER A 157 -0.56 -0.40 3.50
CA SER A 157 -1.26 0.89 3.80
C SER A 157 -1.85 0.87 5.21
N VAL A 158 -2.06 2.05 5.79
CA VAL A 158 -2.87 2.21 7.04
C VAL A 158 -4.11 3.07 6.74
N SER A 159 -5.23 2.79 7.40
CA SER A 159 -6.36 3.73 7.47
C SER A 159 -5.96 4.96 8.28
N SER A 160 -6.73 6.02 8.19
CA SER A 160 -6.57 7.17 9.14
C SER A 160 -6.72 6.67 10.60
N ALA A 161 -7.62 5.73 10.83
CA ALA A 161 -7.90 5.20 12.21
C ALA A 161 -6.67 4.46 12.73
N GLU A 162 -5.98 3.74 11.85
CA GLU A 162 -4.77 2.97 12.23
C GLU A 162 -3.61 3.95 12.53
N ALA A 163 -3.50 5.03 11.75
CA ALA A 163 -2.47 6.06 11.96
C ALA A 163 -2.73 6.80 13.28
N GLN A 164 -3.98 7.11 13.54
CA GLN A 164 -4.40 7.77 14.79
CA GLN A 164 -4.43 7.75 14.81
C GLN A 164 -4.00 6.89 16.00
N ALA A 165 -4.19 5.59 15.87
CA ALA A 165 -3.86 4.63 16.95
C ALA A 165 -2.34 4.61 17.19
N ALA A 166 -1.54 4.64 16.12
CA ALA A 166 -0.07 4.60 16.24
C ALA A 166 0.41 5.86 16.98
N ILE A 167 -0.19 7.00 16.68
CA ILE A 167 0.20 8.29 17.33
C ILE A 167 -0.18 8.20 18.82
N ALA A 168 -1.37 7.72 19.11
CA ALA A 168 -1.94 7.73 20.48
C ALA A 168 -1.12 6.79 21.39
N ARG A 169 -0.52 5.76 20.78
N ARG A 169 -0.46 5.81 20.82
CA ARG A 169 0.40 4.77 21.42
CA ARG A 169 0.33 4.83 21.62
C ARG A 169 1.65 5.50 21.95
C ARG A 169 1.81 5.26 21.59
N ASN A 170 2.08 6.54 21.26
CA ASN A 170 3.43 7.13 21.39
C ASN A 170 3.57 7.75 22.78
N PRO A 171 4.77 7.69 23.40
CA PRO A 171 4.96 8.28 24.74
C PRO A 171 5.33 9.79 24.72
N HIS A 172 5.34 10.41 23.54
CA HIS A 172 5.77 11.85 23.40
C HIS A 172 4.63 12.69 22.82
N ILE A 173 3.43 12.48 23.30
CA ILE A 173 2.24 13.27 22.90
C ILE A 173 1.85 14.21 24.05
N HIS A 174 1.78 15.50 23.78
CA HIS A 174 1.47 16.52 24.81
C HIS A 174 0.00 16.36 25.25
N GLY A 175 -0.30 16.77 26.48
CA GLY A 175 -1.69 16.77 27.00
C GLY A 175 -2.65 17.55 26.08
N THR A 176 -2.15 18.55 25.39
CA THR A 176 -3.01 19.48 24.62
C THR A 176 -3.12 19.02 23.16
N TYR A 177 -2.54 17.87 22.83
CA TYR A 177 -2.41 17.40 21.42
C TYR A 177 -3.78 17.47 20.71
N ARG A 178 -3.79 17.96 19.47
CA ARG A 178 -4.88 17.81 18.52
C ARG A 178 -4.31 17.31 17.19
N GLY A 179 -4.98 16.34 16.58
CA GLY A 179 -4.57 15.76 15.29
C GLY A 179 -5.56 16.08 14.20
N TYR A 180 -5.07 16.42 13.01
CA TYR A 180 -5.94 16.82 11.88
C TYR A 180 -5.70 15.89 10.70
N ILE A 181 -6.68 15.06 10.42
CA ILE A 181 -6.60 13.97 9.44
C ILE A 181 -7.03 14.53 8.08
N LEU A 182 -6.24 14.27 7.05
CA LEU A 182 -6.42 14.93 5.74
C LEU A 182 -6.95 13.92 4.70
N ASP A 183 -6.69 12.63 4.91
CA ASP A 183 -7.06 11.58 3.94
C ASP A 183 -7.51 10.31 4.70
N GLY A 184 -7.78 9.24 3.98
CA GLY A 184 -8.46 8.05 4.52
C GLY A 184 -7.54 6.85 4.59
N GLU A 185 -6.69 6.69 3.56
CA GLU A 185 -5.86 5.47 3.40
C GLU A 185 -4.47 5.86 2.89
N TYR A 186 -3.43 5.42 3.57
CA TYR A 186 -2.04 5.91 3.37
C TYR A 186 -1.11 4.74 3.04
N LEU A 187 -0.35 4.88 1.95
CA LEU A 187 0.84 4.02 1.72
C LEU A 187 1.93 4.36 2.76
N VAL A 188 2.40 3.37 3.48
CA VAL A 188 3.50 3.52 4.45
C VAL A 188 4.82 3.29 3.70
N LEU A 189 5.71 4.26 3.72
CA LEU A 189 7.03 4.16 3.04
C LEU A 189 8.01 3.46 3.96
N PRO A 190 8.85 2.55 3.43
CA PRO A 190 10.13 2.24 4.07
C PRO A 190 10.93 3.51 4.30
N ASN A 191 11.67 3.57 5.39
CA ASN A 191 12.57 4.72 5.66
C ASN A 191 13.49 4.97 4.44
N ALA A 192 13.94 3.90 3.80
CA ALA A 192 14.82 4.01 2.59
C ALA A 192 14.17 4.93 1.55
N THR A 193 12.87 4.79 1.33
CA THR A 193 12.13 5.59 0.32
C THR A 193 11.86 7.01 0.88
N PHE A 194 11.34 7.09 2.08
CA PHE A 194 11.14 8.36 2.79
C PHE A 194 12.42 9.24 2.69
N THR A 195 13.55 8.66 3.02
CA THR A 195 14.87 9.32 2.92
C THR A 195 15.12 9.79 1.47
N GLN A 196 14.87 8.93 0.50
CA GLN A 196 15.14 9.26 -0.93
C GLN A 196 14.32 10.51 -1.33
N ILE A 197 13.04 10.54 -0.96
CA ILE A 197 12.16 11.72 -1.27
C ILE A 197 12.76 12.97 -0.62
N TRP A 198 13.22 12.84 0.61
CA TRP A 198 13.88 13.95 1.34
C TRP A 198 15.12 14.43 0.54
N LYS A 199 15.94 13.51 0.10
CA LYS A 199 17.17 13.85 -0.67
C LYS A 199 16.75 14.54 -1.99
N ASP A 200 15.76 14.00 -2.65
CA ASP A 200 15.40 14.45 -4.02
C ASP A 200 14.61 15.78 -3.92
N SER A 201 14.23 16.17 -2.70
CA SER A 201 13.48 17.43 -2.44
C SER A 201 14.42 18.63 -2.53
N GLY A 202 15.69 18.41 -2.18
CA GLY A 202 16.70 19.49 -2.07
C GLY A 202 16.82 20.01 -0.65
N LEU A 203 16.04 19.44 0.27
CA LEU A 203 16.01 19.94 1.66
C LEU A 203 17.39 19.73 2.33
N PRO A 204 18.16 18.65 2.00
CA PRO A 204 19.45 18.43 2.66
C PRO A 204 20.38 19.65 2.48
N GLY A 205 20.18 20.40 1.40
CA GLY A 205 21.01 21.58 1.07
C GLY A 205 20.46 22.89 1.72
N SER A 206 19.21 22.88 2.18
CA SER A 206 18.56 24.08 2.76
C SER A 206 19.23 24.46 4.09
N LYS A 207 19.46 25.76 4.31
CA LYS A 207 20.05 26.31 5.56
C LYS A 207 18.92 26.77 6.47
N TRP A 208 19.05 26.52 7.75
CA TRP A 208 18.16 27.12 8.77
C TRP A 208 18.34 28.64 8.77
N ARG A 209 17.25 29.36 8.64
CA ARG A 209 17.23 30.83 8.76
C ARG A 209 16.05 31.25 9.64
N GLU A 210 16.30 32.16 10.57
CA GLU A 210 15.29 32.60 11.57
C GLU A 210 13.99 33.02 10.85
N GLN A 211 12.91 32.29 11.09
CA GLN A 211 11.52 32.57 10.60
C GLN A 211 11.41 32.27 9.07
N ILE A 212 12.35 32.76 8.27
CA ILE A 212 12.21 32.80 6.77
C ILE A 212 12.46 31.39 6.20
N TYR A 213 13.22 30.56 6.90
CA TYR A 213 13.29 29.10 6.57
C TYR A 213 13.75 28.32 7.80
N ASP A 214 12.88 28.25 8.78
CA ASP A 214 13.17 27.60 10.06
C ASP A 214 12.36 26.31 10.11
N CZZ A 215 12.18 25.75 11.32
CA CZZ A 215 11.75 24.34 11.41
CB CZZ A 215 11.62 23.82 12.89
SG CZZ A 215 10.86 25.00 13.92
AS CZZ A 215 12.50 26.45 14.76
O1 CZZ A 215 12.86 25.13 16.21
C CZZ A 215 10.40 24.13 10.69
O CZZ A 215 10.20 23.10 10.04
N ASP A 216 9.47 25.09 10.82
CA ASP A 216 8.16 24.94 10.21
C ASP A 216 8.29 24.86 8.67
N ASP A 217 9.23 25.60 8.08
CA ASP A 217 9.41 25.59 6.60
C ASP A 217 9.99 24.23 6.16
N PHE A 218 10.94 23.68 6.91
CA PHE A 218 11.52 22.36 6.59
C PHE A 218 10.41 21.28 6.66
N ALA A 219 9.64 21.27 7.73
CA ALA A 219 8.62 20.23 7.98
C ALA A 219 7.54 20.29 6.89
N ILE A 220 7.10 21.47 6.53
CA ILE A 220 6.02 21.62 5.53
C ILE A 220 6.57 21.31 4.12
N ALA A 221 7.84 21.69 3.85
CA ALA A 221 8.48 21.40 2.55
C ALA A 221 8.62 19.87 2.37
N MET A 222 8.89 19.16 3.45
CA MET A 222 9.05 17.68 3.40
C MET A 222 7.66 17.03 3.14
N LYS A 223 6.61 17.56 3.74
CA LYS A 223 5.25 16.99 3.51
C LYS A 223 4.83 17.29 2.06
N ALA A 224 5.08 18.49 1.58
CA ALA A 224 4.77 18.86 0.18
C ALA A 224 5.54 17.94 -0.78
N ALA A 225 6.80 17.69 -0.51
CA ALA A 225 7.66 16.84 -1.38
C ALA A 225 7.09 15.40 -1.44
N VAL A 226 6.60 14.88 -0.33
CA VAL A 226 6.05 13.50 -0.31
C VAL A 226 4.69 13.50 -1.03
N GLY A 227 3.92 14.58 -0.89
CA GLY A 227 2.67 14.76 -1.67
C GLY A 227 2.93 14.82 -3.17
N LYS A 228 3.94 15.57 -3.57
CA LYS A 228 4.31 15.69 -5.00
C LYS A 228 4.77 14.32 -5.51
N TRP A 229 5.59 13.63 -4.73
CA TRP A 229 6.14 12.29 -5.12
C TRP A 229 4.97 11.30 -5.31
N GLY A 230 4.00 11.31 -4.43
CA GLY A 230 2.82 10.45 -4.55
C GLY A 230 2.14 10.62 -5.90
N ALA A 231 1.74 11.84 -6.22
CA ALA A 231 1.00 12.14 -7.47
C ALA A 231 1.86 11.77 -8.69
N ASP A 232 3.15 12.09 -8.64
CA ASP A 232 4.04 11.96 -9.83
C ASP A 232 4.41 10.48 -10.02
N SER A 233 4.26 9.65 -8.99
CA SER A 233 4.86 8.28 -8.97
C SER A 233 3.81 7.23 -9.33
N TRP A 234 2.54 7.49 -9.02
CA TRP A 234 1.46 6.46 -9.09
C TRP A 234 0.33 6.97 -9.97
N LYS A 235 -0.31 6.08 -10.71
CA LYS A 235 -1.41 6.46 -11.63
C LYS A 235 -2.76 6.12 -10.99
N ALA A 236 -2.80 5.20 -10.02
CA ALA A 236 -4.04 4.89 -9.27
C ALA A 236 -4.46 6.11 -8.45
N ASN A 237 -5.75 6.19 -8.10
CA ASN A 237 -6.30 7.21 -7.16
C ASN A 237 -6.91 6.49 -5.93
N GLY A 238 -7.25 7.25 -4.90
CA GLY A 238 -8.04 6.74 -3.76
C GLY A 238 -7.15 6.34 -2.61
N PHE A 239 -5.96 6.90 -2.53
CA PHE A 239 -5.03 6.72 -1.40
C PHE A 239 -4.10 7.93 -1.33
N ALA A 240 -3.42 8.07 -0.21
CA ALA A 240 -2.38 9.10 -0.02
C ALA A 240 -1.06 8.42 0.40
N ILE A 241 0.00 9.21 0.50
CA ILE A 241 1.29 8.72 1.05
C ILE A 241 1.40 9.19 2.50
N PHE A 242 1.83 8.33 3.39
CA PHE A 242 1.94 8.76 4.80
C PHE A 242 3.18 9.65 4.98
N CYS A 243 2.94 10.90 5.39
CA CYS A 243 3.98 11.81 5.92
C CYS A 243 3.33 12.87 6.82
N GLY A 244 3.63 12.84 8.10
CA GLY A 244 3.01 13.75 9.07
C GLY A 244 3.85 14.97 9.30
N VAL A 245 3.22 16.07 9.65
CA VAL A 245 3.88 17.22 10.29
C VAL A 245 3.44 17.28 11.73
N MET A 246 4.35 17.51 12.63
CA MET A 246 4.06 17.70 14.07
C MET A 246 4.70 19.00 14.56
N LEU A 247 3.98 19.74 15.39
CA LEU A 247 4.55 20.77 16.27
C LEU A 247 4.67 20.19 17.68
N GLY A 248 5.77 20.46 18.34
CA GLY A 248 6.08 19.91 19.66
C GLY A 248 6.63 20.97 20.59
N VAL A 249 6.60 20.67 21.88
CA VAL A 249 7.15 21.55 22.94
C VAL A 249 8.03 20.69 23.86
N ASN A 250 9.11 21.26 24.35
CA ASN A 250 10.10 20.53 25.18
C ASN A 250 9.53 20.37 26.62
N LYS A 251 10.19 19.55 27.46
CA LYS A 251 9.71 19.23 28.83
C LYS A 251 9.57 20.53 29.64
N ALA A 252 10.48 21.47 29.44
CA ALA A 252 10.55 22.72 30.23
C ALA A 252 9.41 23.67 29.82
N GLY A 253 8.81 23.42 28.66
CA GLY A 253 7.69 24.21 28.16
C GLY A 253 8.13 25.58 27.65
N ASP A 254 9.40 25.71 27.23
CA ASP A 254 9.98 27.04 26.90
C ASP A 254 10.66 26.98 25.52
N ALA A 255 10.42 25.92 24.76
CA ALA A 255 10.92 25.82 23.37
C ALA A 255 10.01 24.91 22.56
N ALA A 256 9.70 25.29 21.32
CA ALA A 256 8.85 24.51 20.40
C ALA A 256 9.64 24.18 19.12
N HIS A 257 9.21 23.17 18.42
CA HIS A 257 9.93 22.64 17.25
C HIS A 257 8.91 22.07 16.28
N ALA A 258 9.19 22.15 14.99
CA ALA A 258 8.37 21.51 13.95
C ALA A 258 9.20 20.42 13.25
N TYR A 259 8.59 19.29 12.99
CA TYR A 259 9.29 18.10 12.45
C TYR A 259 8.26 17.21 11.76
N ASN A 260 8.71 16.08 11.25
CA ASN A 260 7.86 15.15 10.50
C ASN A 260 7.72 13.85 11.31
N PHE A 261 6.89 12.95 10.85
CA PHE A 261 6.86 11.58 11.41
C PHE A 261 6.36 10.59 10.35
N THR A 262 6.75 9.35 10.51
CA THR A 262 6.38 8.25 9.64
C THR A 262 5.97 7.08 10.53
N LEU A 263 5.72 5.94 9.96
CA LEU A 263 5.23 4.74 10.72
CA LEU A 263 5.23 4.75 10.72
C LEU A 263 6.27 3.63 10.62
N THR A 264 6.37 2.84 11.68
CA THR A 264 7.23 1.63 11.73
C THR A 264 6.79 0.63 10.63
N LYS A 265 7.60 -0.38 10.41
CA LYS A 265 7.29 -1.45 9.42
C LYS A 265 6.01 -2.16 9.83
N ASP A 266 5.78 -2.36 11.14
CA ASP A 266 4.64 -3.17 11.64
C ASP A 266 3.39 -2.29 11.74
N HIS A 267 3.52 -1.00 11.39
CA HIS A 267 2.38 -0.05 11.27
C HIS A 267 1.82 0.30 12.67
N ALA A 268 2.50 -0.09 13.72
CA ALA A 268 1.93 -0.03 15.10
C ALA A 268 2.33 1.29 15.77
N ASP A 269 3.44 1.89 15.37
CA ASP A 269 4.04 3.04 16.09
C ASP A 269 4.48 4.11 15.09
N ILE A 270 4.68 5.33 15.55
CA ILE A 270 5.26 6.40 14.70
C ILE A 270 6.75 6.53 15.02
N VAL A 271 7.49 7.11 14.10
CA VAL A 271 8.91 7.45 14.25
C VAL A 271 9.08 8.89 13.80
N PHE A 272 9.84 9.69 14.54
CA PHE A 272 10.01 11.13 14.23
C PHE A 272 11.13 11.28 13.19
N PHE A 273 10.95 12.20 12.27
CA PHE A 273 11.93 12.51 11.22
C PHE A 273 12.31 13.98 11.33
N GLU A 274 13.60 14.24 11.36
CA GLU A 274 14.15 15.61 11.42
C GLU A 274 14.53 16.08 10.01
N PRO A 275 13.68 16.90 9.35
CA PRO A 275 13.94 17.26 7.96
C PRO A 275 15.15 18.22 7.80
N GLN A 276 15.71 18.68 8.92
CA GLN A 276 16.91 19.54 8.87
C GLN A 276 18.19 18.67 8.76
N ASN A 277 18.09 17.34 8.98
CA ASN A 277 19.34 16.49 8.87
C ASN A 277 19.03 15.06 8.42
N GLY A 278 17.76 14.70 8.29
CA GLY A 278 17.36 13.38 7.73
C GLY A 278 17.45 12.25 8.77
N GLY A 279 17.57 12.62 10.04
CA GLY A 279 17.60 11.66 11.16
C GLY A 279 16.22 11.11 11.46
N TYR A 280 16.13 9.82 11.81
CA TYR A 280 14.95 9.22 12.44
C TYR A 280 15.21 9.04 13.92
N LEU A 281 14.24 9.40 14.74
CA LEU A 281 14.39 9.40 16.21
C LEU A 281 13.15 8.78 16.84
N ASN A 282 13.32 8.02 17.91
CA ASN A 282 12.20 7.51 18.74
C ASN A 282 11.85 8.58 19.77
N ASP A 283 12.73 9.52 19.99
CA ASP A 283 12.50 10.66 20.90
C ASP A 283 13.23 11.88 20.34
N ILE A 284 12.48 12.88 19.88
CA ILE A 284 13.08 14.07 19.20
C ILE A 284 13.20 15.22 20.22
N GLY A 285 12.88 14.94 21.47
CA GLY A 285 13.07 15.89 22.58
C GLY A 285 11.94 16.90 22.64
N TYR A 286 10.83 16.61 21.96
CA TYR A 286 9.60 17.45 22.02
C TYR A 286 8.40 16.53 22.14
N ASP A 287 7.39 16.98 22.84
CA ASP A 287 6.07 16.31 22.91
C ASP A 287 5.11 17.02 21.98
N SER A 288 4.50 16.29 21.06
CA SER A 288 3.64 16.87 20.00
C SER A 288 2.38 17.48 20.63
N TYR A 289 2.06 18.73 20.26
CA TYR A 289 0.77 19.37 20.64
C TYR A 289 -0.13 19.53 19.40
N MET A 290 0.40 19.27 18.20
CA MET A 290 -0.43 19.29 16.98
C MET A 290 0.22 18.39 15.90
N ALA A 291 -0.60 17.72 15.14
CA ALA A 291 -0.16 16.98 13.93
C ALA A 291 -1.18 17.17 12.82
N PHE A 292 -0.71 17.23 11.59
CA PHE A 292 -1.59 17.01 10.44
C PHE A 292 -0.93 16.00 9.47
N TYR A 293 -1.72 15.11 8.94
CA TYR A 293 -1.25 13.99 8.09
C TYR A 293 -2.38 13.52 7.22
C1 GAL B . 11.14 -4.38 -13.57
C2 GAL B . 11.23 -4.27 -12.04
C3 GAL B . 11.07 -5.61 -11.38
C4 GAL B . 9.78 -6.30 -11.89
C5 GAL B . 9.79 -6.32 -13.44
C6 GAL B . 8.55 -6.97 -14.00
O1 GAL B . 11.18 -3.09 -14.12
O2 GAL B . 12.51 -3.71 -11.70
O3 GAL B . 11.06 -5.43 -9.94
O4 GAL B . 8.61 -5.64 -11.41
O5 GAL B . 9.90 -4.99 -13.94
O6 GAL B . 7.44 -6.04 -14.00
C1 FUC B . 12.72 -2.95 -10.58
C2 FUC B . 14.21 -2.56 -10.57
C3 FUC B . 14.51 -1.51 -11.65
C4 FUC B . 13.51 -0.37 -11.53
C5 FUC B . 12.09 -0.93 -11.59
C6 FUC B . 11.03 0.15 -11.50
O2 FUC B . 15.00 -3.74 -10.79
O3 FUC B . 15.87 -1.03 -11.50
O4 FUC B . 13.69 0.33 -10.27
O5 FUC B . 11.91 -1.82 -10.49
C1 GLA B . 10.95 -6.54 -9.13
C2 GLA B . 11.06 -6.21 -7.61
C3 GLA B . 12.50 -5.83 -7.22
C4 GLA B . 13.45 -6.89 -7.73
C5 GLA B . 13.26 -7.05 -9.24
C6 GLA B . 14.24 -8.04 -9.91
O2 GLA B . 10.16 -5.14 -7.28
O3 GLA B . 12.59 -5.70 -5.79
O4 GLA B . 13.21 -8.13 -7.05
O5 GLA B . 11.94 -7.51 -9.47
O6 GLA B . 13.96 -8.14 -11.39
C1 GLA C . -14.33 -7.50 -22.48
C2 GLA C . -14.66 -6.27 -21.66
C3 GLA C . -13.41 -5.44 -21.33
C4 GLA C . -12.31 -6.35 -20.72
C5 GLA C . -12.03 -7.47 -21.73
C6 GLA C . -10.89 -8.39 -21.29
O1 GLA C . -13.96 -7.09 -23.80
O2 GLA C . -15.60 -5.47 -22.39
O3 GLA C . -13.74 -4.39 -20.45
O4 GLA C . -12.69 -6.87 -19.44
O5 GLA C . -13.22 -8.24 -21.92
O6 GLA C . -11.37 -9.35 -20.34
C1 FUC C . -16.73 -5.17 -21.73
C2 FUC C . -17.52 -4.13 -22.54
C3 FUC C . -18.05 -4.76 -23.80
C4 FUC C . -18.84 -6.01 -23.46
C5 FUC C . -18.01 -6.95 -22.57
C6 FUC C . -18.84 -8.16 -22.16
O2 FUC C . -16.68 -3.05 -22.90
O3 FUC C . -18.90 -3.81 -24.45
O4 FUC C . -20.02 -5.66 -22.77
O5 FUC C . -17.58 -6.25 -21.41
C1 GLA C . -13.02 -3.37 -19.96
C2 GLA C . -13.77 -2.25 -19.32
C3 GLA C . -14.70 -1.61 -20.32
C4 GLA C . -13.92 -1.14 -21.53
C5 GLA C . -13.10 -2.29 -22.10
C6 GLA C . -12.24 -1.83 -23.25
O2 GLA C . -14.53 -2.76 -18.23
O3 GLA C . -15.39 -0.51 -19.69
O4 GLA C . -13.05 -0.04 -21.18
O5 GLA C . -12.26 -2.85 -21.06
O6 GLA C . -11.53 -2.95 -23.82
C1 GLA D . -1.36 -28.39 -10.57
C2 GLA D . -2.51 -28.32 -9.56
C3 GLA D . -3.71 -27.67 -10.21
C4 GLA D . -3.31 -26.29 -10.73
C5 GLA D . -2.14 -26.42 -11.68
C6 GLA D . -1.70 -25.06 -12.25
O1 GLA D . -1.76 -29.19 -11.70
O2 GLA D . -2.85 -29.64 -9.07
O3 GLA D . -4.82 -27.57 -9.28
O4 GLA D . -2.97 -25.42 -9.60
O5 GLA D . -1.04 -27.07 -10.99
O6 GLA D . -0.87 -24.40 -11.32
C1 FUC D . -2.67 -29.88 -7.73
C2 FUC D . -3.26 -31.27 -7.45
C3 FUC D . -2.50 -32.34 -8.22
C4 FUC D . -1.05 -32.26 -7.91
C5 FUC D . -0.54 -30.83 -8.14
C6 FUC D . 0.93 -30.71 -7.78
O2 FUC D . -4.64 -31.30 -7.82
O3 FUC D . -2.97 -33.64 -7.83
O4 FUC D . -0.82 -32.62 -6.54
O5 FUC D . -1.32 -29.89 -7.36
C1 GLA D . -5.98 -26.98 -9.55
C2 GLA D . -7.02 -27.21 -8.49
C3 GLA D . -7.45 -28.68 -8.46
C4 GLA D . -7.88 -29.12 -9.82
C5 GLA D . -6.76 -28.83 -10.83
C6 GLA D . -7.15 -29.24 -12.23
O2 GLA D . -6.48 -26.81 -7.23
O3 GLA D . -8.53 -28.84 -7.52
O4 GLA D . -9.05 -28.40 -10.20
O5 GLA D . -6.48 -27.43 -10.81
O6 GLA D . -6.05 -29.01 -13.15
C1 EDO E . 14.36 26.82 -0.24
O1 EDO E . 15.03 26.81 -1.51
C2 EDO E . 15.21 27.35 0.88
O2 EDO E . 16.26 26.47 1.23
C1 EDO F . 6.93 26.35 14.69
O1 EDO F . 5.93 25.84 15.55
C2 EDO F . 7.81 27.35 15.38
O2 EDO F . 8.80 27.92 14.50
S DMS G . 0.67 9.87 -13.19
O DMS G . 1.79 9.21 -12.32
C1 DMS G . 1.05 11.62 -13.23
C2 DMS G . 1.06 9.51 -14.81
NA NA H . -18.54 -5.59 -0.48
NA NA I . -1.89 -10.03 -23.68
MN MN J . 8.70 13.17 25.58
MN MN K . 8.84 29.45 12.91
CA CA L . 8.63 29.99 8.66
MN MN M . 9.13 29.92 9.19
#